data_3U66
#
_entry.id   3U66
#
_cell.length_a   51.610
_cell.length_b   82.030
_cell.length_c   96.080
_cell.angle_alpha   90.00
_cell.angle_beta   90.00
_cell.angle_gamma   90.00
#
_symmetry.space_group_name_H-M   'I 2 2 2'
#
loop_
_entity.id
_entity.type
_entity.pdbx_description
1 polymer 'Putative type VI secretion protein'
2 non-polymer GLYCEROL
3 water water
#
_entity_poly.entity_id   1
_entity_poly.type   'polypeptide(L)'
_entity_poly.pdbx_seq_one_letter_code
;(MSE)NKPVISRAEQIFYPGWL(MSE)VSQLRSGQPVEDGKALYRRACQLVKQAREELAEAGFSQKSSDI(MSE)LYAFC
ALLDESVLNREKTDDGWRTWQQDPLQAHFFGTLNAGEELWERIREQLKLPAPDVAVLTCLCRTLQLGFTGQYRSQDDERR
EDVIRALTARVPAFTFAQDAPVVVRAPGYRAGRT(MSE)
;
_entity_poly.pdbx_strand_id   A
#
# COMPACT_ATOMS: atom_id res chain seq x y z
N ILE A 6 1.44 7.42 14.29
CA ILE A 6 0.66 7.12 15.49
C ILE A 6 0.26 5.61 15.59
N SER A 7 -0.14 5.19 16.80
CA SER A 7 -0.53 3.80 17.09
C SER A 7 -2.03 3.62 16.90
N ARG A 8 -2.82 4.70 17.16
CA ARG A 8 -4.28 4.70 16.98
C ARG A 8 -4.60 4.41 15.52
N ALA A 9 -3.76 4.91 14.60
CA ALA A 9 -3.83 4.72 13.15
C ALA A 9 -3.52 3.26 12.78
N GLU A 10 -2.45 2.68 13.37
CA GLU A 10 -2.06 1.28 13.15
C GLU A 10 -3.16 0.33 13.64
N GLN A 11 -3.78 0.67 14.80
CA GLN A 11 -4.90 -0.02 15.44
C GLN A 11 -6.08 -0.17 14.45
N ILE A 12 -6.38 0.91 13.67
CA ILE A 12 -7.46 0.98 12.68
C ILE A 12 -7.17 0.04 11.49
N PHE A 13 -5.92 0.03 10.99
CA PHE A 13 -5.55 -0.75 9.82
C PHE A 13 -5.08 -2.18 10.07
N TYR A 14 -4.76 -2.54 11.34
CA TYR A 14 -4.30 -3.90 11.70
C TYR A 14 -5.18 -5.04 11.16
N PRO A 15 -6.52 -5.07 11.35
CA PRO A 15 -7.30 -6.18 10.76
C PRO A 15 -7.12 -6.33 9.25
N GLY A 16 -7.13 -5.20 8.54
CA GLY A 16 -6.96 -5.14 7.09
C GLY A 16 -5.55 -5.55 6.67
N TRP A 17 -4.54 -5.02 7.39
CA TRP A 17 -3.14 -5.36 7.17
C TRP A 17 -2.87 -6.86 7.35
N LEU A 18 -3.51 -7.49 8.36
CA LEU A 18 -3.37 -8.92 8.58
C LEU A 18 -4.02 -9.70 7.44
N VAL A 20 -4.44 -8.65 4.21
CA VAL A 20 -3.59 -8.57 3.01
C VAL A 20 -2.38 -9.51 3.15
N SER A 21 -1.79 -9.57 4.37
CA SER A 21 -0.66 -10.45 4.69
C SER A 21 -1.04 -11.93 4.47
N GLN A 22 -2.28 -12.31 4.84
CA GLN A 22 -2.78 -13.66 4.64
C GLN A 22 -3.02 -13.97 3.16
N LEU A 23 -3.57 -13.00 2.41
CA LEU A 23 -3.81 -13.11 0.96
C LEU A 23 -2.49 -13.25 0.19
N ARG A 24 -1.44 -12.53 0.66
CA ARG A 24 -0.10 -12.53 0.08
C ARG A 24 0.60 -13.89 0.27
N SER A 25 0.25 -14.63 1.36
CA SER A 25 0.79 -15.95 1.71
C SER A 25 0.05 -17.12 1.01
N GLY A 26 -0.75 -16.80 -0.01
CA GLY A 26 -1.49 -17.76 -0.83
C GLY A 26 -2.54 -18.57 -0.09
N GLN A 27 -3.19 -17.96 0.90
CA GLN A 27 -4.23 -18.61 1.71
C GLN A 27 -5.46 -18.89 0.85
N PRO A 28 -6.20 -20.01 1.03
CA PRO A 28 -7.42 -20.24 0.23
C PRO A 28 -8.43 -19.13 0.50
N VAL A 29 -9.01 -18.55 -0.57
CA VAL A 29 -9.88 -17.38 -0.45
C VAL A 29 -11.38 -17.52 -0.63
N GLU A 30 -11.89 -18.58 -1.27
CA GLU A 30 -13.34 -18.79 -1.49
C GLU A 30 -14.24 -18.14 -0.40
N ASP A 31 -15.14 -17.18 -0.79
CA ASP A 31 -15.42 -16.71 -2.16
C ASP A 31 -14.76 -15.36 -2.49
N GLY A 32 -14.74 -15.01 -3.78
CA GLY A 32 -14.14 -13.80 -4.29
C GLY A 32 -14.96 -12.54 -4.08
N LYS A 33 -16.26 -12.58 -4.43
CA LYS A 33 -17.20 -11.46 -4.27
C LYS A 33 -17.48 -11.21 -2.79
N ALA A 34 -17.37 -12.29 -1.97
CA ALA A 34 -17.55 -12.26 -0.52
C ALA A 34 -16.39 -11.50 0.13
N LEU A 35 -15.17 -11.65 -0.44
CA LEU A 35 -13.95 -10.98 0.00
C LEU A 35 -13.99 -9.48 -0.31
N TYR A 36 -14.47 -9.11 -1.50
CA TYR A 36 -14.63 -7.72 -1.95
C TYR A 36 -15.55 -6.93 -1.01
N ARG A 37 -16.59 -7.58 -0.51
CA ARG A 37 -17.58 -7.01 0.38
C ARG A 37 -16.96 -6.74 1.72
N ARG A 38 -16.23 -7.71 2.29
CA ARG A 38 -15.51 -7.60 3.55
C ARG A 38 -14.47 -6.49 3.43
N ALA A 39 -13.73 -6.46 2.29
CA ALA A 39 -12.73 -5.44 1.97
C ALA A 39 -13.37 -4.05 2.04
N CYS A 40 -14.52 -3.85 1.35
CA CYS A 40 -15.29 -2.61 1.33
C CYS A 40 -15.67 -2.13 2.73
N GLN A 41 -16.22 -3.05 3.57
CA GLN A 41 -16.64 -2.77 4.95
C GLN A 41 -15.47 -2.35 5.83
N LEU A 42 -14.30 -2.97 5.60
CA LEU A 42 -13.06 -2.67 6.30
C LEU A 42 -12.54 -1.25 5.99
N VAL A 43 -12.61 -0.85 4.70
CA VAL A 43 -12.22 0.48 4.22
C VAL A 43 -13.17 1.52 4.83
N LYS A 44 -14.50 1.25 4.81
CA LYS A 44 -15.53 2.12 5.36
C LYS A 44 -15.37 2.28 6.89
N GLN A 45 -15.02 1.16 7.58
CA GLN A 45 -14.79 1.10 9.03
C GLN A 45 -13.59 1.97 9.38
N ALA A 46 -12.52 1.86 8.55
CA ALA A 46 -11.30 2.63 8.72
C ALA A 46 -11.55 4.13 8.54
N ARG A 47 -12.38 4.52 7.55
CA ARG A 47 -12.77 5.90 7.24
C ARG A 47 -13.47 6.57 8.43
N GLU A 48 -14.50 5.91 9.01
CA GLU A 48 -15.26 6.40 10.16
C GLU A 48 -14.40 6.50 11.41
N GLU A 49 -13.51 5.52 11.62
CA GLU A 49 -12.60 5.46 12.78
C GLU A 49 -11.52 6.56 12.75
N LEU A 50 -10.88 6.77 11.57
CA LEU A 50 -9.86 7.82 11.37
C LEU A 50 -10.44 9.20 11.64
N ALA A 51 -11.68 9.45 11.16
CA ALA A 51 -12.40 10.69 11.37
C ALA A 51 -12.72 10.90 12.87
N GLU A 52 -13.13 9.81 13.58
CA GLU A 52 -13.43 9.82 15.02
C GLU A 52 -12.15 10.04 15.86
N ALA A 53 -11.03 9.52 15.37
CA ALA A 53 -9.72 9.65 16.03
C ALA A 53 -9.11 11.06 15.87
N GLY A 54 -9.78 11.92 15.10
CA GLY A 54 -9.35 13.31 14.90
C GLY A 54 -8.48 13.59 13.71
N PHE A 55 -8.22 12.57 12.86
CA PHE A 55 -7.40 12.74 11.66
C PHE A 55 -8.15 13.55 10.60
N SER A 56 -7.43 14.47 9.92
CA SER A 56 -7.97 15.32 8.86
C SER A 56 -8.38 14.47 7.64
N GLN A 57 -9.22 15.04 6.76
CA GLN A 57 -9.64 14.36 5.54
C GLN A 57 -8.42 14.03 4.67
N LYS A 58 -7.48 14.98 4.59
CA LYS A 58 -6.22 14.91 3.84
C LYS A 58 -5.44 13.64 4.15
N SER A 59 -5.10 13.46 5.45
CA SER A 59 -4.37 12.33 6.00
C SER A 59 -5.16 11.00 5.98
N SER A 60 -6.46 11.03 6.31
CA SER A 60 -7.36 9.88 6.23
C SER A 60 -7.40 9.35 4.80
N ASP A 61 -7.54 10.26 3.81
CA ASP A 61 -7.57 9.92 2.39
C ASP A 61 -6.29 9.31 1.84
N ILE A 62 -5.10 9.80 2.25
CA ILE A 62 -3.82 9.20 1.82
C ILE A 62 -3.63 7.80 2.45
N LEU A 64 -6.02 5.72 3.54
CA LEU A 64 -7.02 4.84 2.92
C LEU A 64 -6.68 4.51 1.47
N TYR A 65 -6.04 5.47 0.76
CA TYR A 65 -5.61 5.30 -0.63
C TYR A 65 -4.54 4.21 -0.71
N ALA A 66 -3.48 4.33 0.13
CA ALA A 66 -2.37 3.39 0.22
C ALA A 66 -2.89 2.01 0.55
N PHE A 67 -3.87 1.91 1.48
CA PHE A 67 -4.48 0.64 1.84
C PHE A 67 -5.27 0.01 0.69
N CYS A 68 -6.08 0.82 -0.04
CA CYS A 68 -6.88 0.36 -1.18
C CYS A 68 -5.93 -0.18 -2.25
N ALA A 69 -4.87 0.58 -2.57
CA ALA A 69 -3.82 0.23 -3.52
C ALA A 69 -3.06 -1.03 -3.10
N LEU A 70 -2.84 -1.21 -1.78
CA LEU A 70 -2.17 -2.38 -1.21
C LEU A 70 -3.04 -3.63 -1.38
N LEU A 71 -4.28 -3.57 -0.91
CA LEU A 71 -5.27 -4.65 -0.98
C LEU A 71 -5.62 -5.05 -2.42
N ASP A 72 -5.83 -4.07 -3.33
CA ASP A 72 -6.12 -4.33 -4.75
C ASP A 72 -4.97 -5.10 -5.42
N GLU A 73 -3.71 -4.66 -5.20
CA GLU A 73 -2.51 -5.29 -5.76
C GLU A 73 -2.30 -6.74 -5.28
N SER A 74 -2.51 -7.01 -3.97
CA SER A 74 -2.34 -8.35 -3.40
C SER A 74 -3.40 -9.36 -3.87
N VAL A 75 -4.56 -8.87 -4.35
CA VAL A 75 -5.67 -9.67 -4.88
C VAL A 75 -5.45 -9.95 -6.38
N LEU A 76 -5.05 -8.93 -7.14
CA LEU A 76 -4.85 -9.04 -8.59
C LEU A 76 -3.62 -9.86 -9.00
N ASN A 77 -2.54 -9.83 -8.18
CA ASN A 77 -1.32 -10.61 -8.43
C ASN A 77 -1.39 -12.04 -7.82
N ARG A 78 -2.62 -12.46 -7.44
CA ARG A 78 -2.92 -13.76 -6.84
C ARG A 78 -3.39 -14.78 -7.90
N GLU A 79 -2.93 -16.03 -7.75
CA GLU A 79 -3.27 -17.15 -8.65
C GLU A 79 -4.73 -17.53 -8.50
N TRP A 85 -13.87 -14.16 -8.79
CA TRP A 85 -13.28 -12.83 -8.65
C TRP A 85 -13.71 -11.99 -9.84
N ARG A 86 -12.73 -11.43 -10.60
CA ARG A 86 -12.93 -10.55 -11.75
C ARG A 86 -13.94 -9.42 -11.45
N THR A 87 -14.17 -9.18 -10.15
CA THR A 87 -15.01 -8.13 -9.59
C THR A 87 -14.09 -6.94 -9.36
N TRP A 88 -12.89 -7.22 -8.79
CA TRP A 88 -11.79 -6.27 -8.58
C TRP A 88 -11.24 -5.96 -9.99
N GLN A 89 -10.93 -7.02 -10.77
CA GLN A 89 -10.45 -6.88 -12.14
C GLN A 89 -11.37 -5.89 -12.87
N GLN A 90 -12.71 -6.10 -12.77
CA GLN A 90 -13.72 -5.22 -13.37
C GLN A 90 -13.68 -3.85 -12.67
N ASP A 91 -13.96 -3.81 -11.35
CA ASP A 91 -13.97 -2.57 -10.55
C ASP A 91 -13.22 -2.74 -9.21
N PRO A 92 -11.92 -2.33 -9.13
CA PRO A 92 -11.19 -2.48 -7.85
C PRO A 92 -11.54 -1.38 -6.83
N LEU A 93 -10.97 -1.48 -5.61
CA LEU A 93 -11.24 -0.54 -4.51
C LEU A 93 -10.78 0.87 -4.79
N GLN A 94 -9.69 1.01 -5.58
CA GLN A 94 -9.14 2.30 -5.98
C GLN A 94 -10.09 3.03 -6.94
N ALA A 95 -10.90 2.27 -7.69
CA ALA A 95 -11.88 2.80 -8.64
C ALA A 95 -13.20 3.06 -7.92
N HIS A 96 -13.57 2.16 -6.99
CA HIS A 96 -14.80 2.24 -6.20
C HIS A 96 -14.80 3.40 -5.22
N PHE A 97 -13.70 3.55 -4.46
CA PHE A 97 -13.55 4.59 -3.44
C PHE A 97 -12.84 5.87 -3.89
N PHE A 98 -11.96 5.80 -4.93
CA PHE A 98 -11.19 6.97 -5.36
C PHE A 98 -11.31 7.43 -6.82
N GLY A 99 -11.88 6.58 -7.66
CA GLY A 99 -12.08 6.91 -9.06
C GLY A 99 -10.82 6.88 -9.90
N THR A 100 -9.94 5.91 -9.65
CA THR A 100 -8.70 5.69 -10.41
C THR A 100 -8.43 4.19 -10.61
N LEU A 101 -7.64 3.86 -11.63
CA LEU A 101 -7.22 2.49 -11.93
C LEU A 101 -5.68 2.52 -12.06
N ASN A 102 -5.09 3.68 -11.66
CA ASN A 102 -3.65 3.94 -11.73
C ASN A 102 -2.99 4.17 -10.35
N ALA A 103 -3.45 3.45 -9.31
CA ALA A 103 -2.89 3.57 -7.95
C ALA A 103 -1.49 3.00 -7.85
N GLY A 104 -1.17 2.04 -8.70
CA GLY A 104 0.15 1.43 -8.77
C GLY A 104 1.23 2.43 -9.13
N GLU A 105 0.85 3.46 -9.92
CA GLU A 105 1.71 4.54 -10.38
C GLU A 105 1.63 5.78 -9.48
N GLU A 106 0.39 6.31 -9.25
CA GLU A 106 0.24 7.53 -8.47
C GLU A 106 0.44 7.47 -6.97
N LEU A 107 0.51 6.26 -6.37
CA LEU A 107 0.82 6.13 -4.94
C LEU A 107 2.30 6.44 -4.69
N TRP A 108 3.18 6.05 -5.64
CA TRP A 108 4.61 6.35 -5.63
C TRP A 108 4.81 7.86 -5.76
N GLU A 109 4.00 8.49 -6.63
CA GLU A 109 3.99 9.94 -6.89
C GLU A 109 3.56 10.64 -5.59
N ARG A 110 2.60 10.04 -4.87
CA ARG A 110 2.04 10.50 -3.60
C ARG A 110 3.03 10.36 -2.45
N ILE A 111 3.87 9.31 -2.43
CA ILE A 111 4.89 9.10 -1.40
C ILE A 111 5.99 10.18 -1.50
N ARG A 112 6.38 10.52 -2.74
CA ARG A 112 7.39 11.53 -3.06
C ARG A 112 6.97 12.93 -2.65
N GLU A 113 5.70 13.32 -2.89
CA GLU A 113 5.23 14.64 -2.48
C GLU A 113 5.07 14.79 -0.97
N GLN A 114 4.98 13.66 -0.26
CA GLN A 114 4.94 13.61 1.21
C GLN A 114 6.36 13.84 1.73
N LEU A 115 7.37 13.33 1.00
CA LEU A 115 8.79 13.48 1.33
C LEU A 115 9.29 14.91 1.09
N LYS A 116 8.62 15.67 0.19
CA LYS A 116 8.94 17.06 -0.10
C LYS A 116 8.49 18.01 1.04
N LEU A 117 7.66 17.50 1.97
CA LEU A 117 7.13 18.28 3.10
C LEU A 117 8.11 18.31 4.28
N PRO A 118 8.30 19.46 4.96
CA PRO A 118 9.23 19.49 6.11
C PRO A 118 8.83 18.60 7.30
N ALA A 119 7.54 18.62 7.69
CA ALA A 119 7.03 17.83 8.82
C ALA A 119 5.75 17.02 8.43
N PRO A 120 5.86 15.97 7.57
CA PRO A 120 4.66 15.20 7.22
C PRO A 120 4.10 14.45 8.43
N ASP A 121 2.77 14.19 8.45
CA ASP A 121 2.13 13.46 9.55
C ASP A 121 2.80 12.08 9.71
N VAL A 122 3.37 11.86 10.90
CA VAL A 122 4.07 10.63 11.27
C VAL A 122 3.19 9.37 11.02
N ALA A 123 1.87 9.48 11.32
CA ALA A 123 0.87 8.43 11.10
C ALA A 123 0.77 8.04 9.61
N VAL A 124 0.76 9.04 8.70
CA VAL A 124 0.72 8.86 7.25
C VAL A 124 1.98 8.12 6.78
N LEU A 125 3.18 8.58 7.23
CA LEU A 125 4.48 7.96 6.91
C LEU A 125 4.56 6.53 7.39
N THR A 126 3.92 6.22 8.54
CA THR A 126 3.88 4.88 9.13
C THR A 126 3.11 3.96 8.19
N CYS A 127 1.90 4.38 7.78
CA CYS A 127 1.03 3.64 6.88
C CYS A 127 1.66 3.37 5.52
N LEU A 128 2.41 4.35 4.98
CA LEU A 128 3.12 4.23 3.72
C LEU A 128 4.29 3.23 3.82
N CYS A 129 4.89 3.11 5.02
CA CYS A 129 5.95 2.16 5.30
C CYS A 129 5.34 0.76 5.42
N ARG A 130 4.20 0.68 6.11
CA ARG A 130 3.46 -0.57 6.31
C ARG A 130 2.97 -1.11 4.97
N THR A 131 2.54 -0.19 4.06
CA THR A 131 2.06 -0.51 2.71
C THR A 131 3.18 -1.20 1.92
N LEU A 132 4.42 -0.67 2.00
CA LEU A 132 5.59 -1.22 1.33
C LEU A 132 6.11 -2.49 1.98
N GLN A 133 6.00 -2.60 3.32
CA GLN A 133 6.41 -3.77 4.09
C GLN A 133 5.55 -4.97 3.74
N LEU A 134 4.23 -4.77 3.53
CA LEU A 134 3.32 -5.88 3.23
C LEU A 134 3.37 -6.39 1.79
N GLY A 135 4.17 -5.74 0.95
CA GLY A 135 4.39 -6.18 -0.42
C GLY A 135 3.99 -5.26 -1.55
N PHE A 136 3.63 -3.99 -1.26
CA PHE A 136 3.26 -3.09 -2.36
C PHE A 136 4.46 -2.77 -3.24
N THR A 137 4.31 -3.01 -4.54
CA THR A 137 5.33 -2.78 -5.55
C THR A 137 4.88 -1.65 -6.47
N GLY A 138 3.66 -1.76 -6.99
CA GLY A 138 3.10 -0.81 -7.95
C GLY A 138 3.85 -0.79 -9.25
N GLN A 139 3.81 0.35 -9.94
CA GLN A 139 4.53 0.59 -11.18
C GLN A 139 5.19 1.96 -11.06
N TYR A 140 6.42 1.96 -10.52
CA TYR A 140 7.21 3.18 -10.31
C TYR A 140 7.75 3.68 -11.64
N ARG A 141 7.58 5.00 -11.85
CA ARG A 141 8.03 5.74 -13.02
C ARG A 141 8.59 7.06 -12.50
N SER A 142 9.66 7.57 -13.12
CA SER A 142 10.29 8.84 -12.78
C SER A 142 11.23 9.27 -13.88
N GLN A 143 10.79 10.23 -14.73
CA GLN A 143 11.63 10.73 -15.82
C GLN A 143 12.73 11.66 -15.27
N ASP A 144 13.60 11.07 -14.42
CA ASP A 144 14.74 11.69 -13.74
C ASP A 144 15.65 10.64 -13.05
N ASP A 145 16.68 11.12 -12.36
CA ASP A 145 17.70 10.35 -11.64
C ASP A 145 17.25 9.59 -10.37
N GLU A 146 15.94 9.65 -10.02
CA GLU A 146 15.39 9.01 -8.82
C GLU A 146 14.85 7.60 -9.10
N ARG A 147 15.21 6.65 -8.22
CA ARG A 147 14.77 5.25 -8.30
C ARG A 147 14.01 4.87 -7.02
N ARG A 148 13.30 3.72 -7.04
CA ARG A 148 12.55 3.18 -5.90
C ARG A 148 13.43 3.07 -4.68
N GLU A 149 14.59 2.37 -4.83
CA GLU A 149 15.62 2.12 -3.82
C GLU A 149 15.91 3.39 -2.99
N ASP A 150 15.97 4.55 -3.67
CA ASP A 150 16.25 5.85 -3.08
C ASP A 150 15.03 6.42 -2.33
N VAL A 151 13.82 6.27 -2.90
CA VAL A 151 12.54 6.71 -2.31
C VAL A 151 12.25 5.90 -1.04
N ILE A 152 12.48 4.57 -1.09
CA ILE A 152 12.31 3.66 0.06
C ILE A 152 13.23 4.10 1.22
N ARG A 153 14.56 4.28 0.93
CA ARG A 153 15.58 4.71 1.90
C ARG A 153 15.22 6.03 2.57
N ALA A 154 14.77 7.02 1.77
CA ALA A 154 14.38 8.35 2.23
C ALA A 154 13.17 8.33 3.14
N LEU A 155 12.16 7.52 2.78
CA LEU A 155 10.92 7.34 3.55
C LEU A 155 11.22 6.62 4.85
N THR A 156 12.08 5.60 4.77
CA THR A 156 12.56 4.78 5.87
C THR A 156 13.30 5.64 6.91
N ALA A 157 14.13 6.59 6.43
CA ALA A 157 14.96 7.48 7.24
C ALA A 157 14.16 8.45 8.11
N ARG A 158 12.94 8.80 7.67
CA ARG A 158 12.08 9.75 8.37
C ARG A 158 11.12 9.17 9.40
N VAL A 159 11.11 7.84 9.54
CA VAL A 159 10.27 7.13 10.52
C VAL A 159 11.15 6.22 11.43
N PRO A 160 11.13 6.43 12.77
CA PRO A 160 11.98 5.61 13.65
C PRO A 160 11.64 4.13 13.68
N ALA A 161 10.34 3.81 13.59
CA ALA A 161 9.78 2.45 13.64
C ALA A 161 10.20 1.56 12.42
N PHE A 162 10.73 2.18 11.37
CA PHE A 162 11.05 1.45 10.15
C PHE A 162 12.43 1.70 9.62
N THR A 163 12.94 0.70 8.91
CA THR A 163 14.24 0.71 8.24
C THR A 163 14.17 -0.15 6.97
N PHE A 164 15.28 -0.27 6.25
CA PHE A 164 15.31 -1.09 5.05
C PHE A 164 16.30 -2.25 5.25
N ALA A 165 16.05 -3.36 4.57
CA ALA A 165 16.90 -4.54 4.63
C ALA A 165 16.90 -5.22 3.29
N GLN A 166 18.10 -5.57 2.79
CA GLN A 166 18.29 -6.22 1.51
C GLN A 166 18.72 -7.66 1.73
N ASP A 167 18.19 -8.58 0.91
CA ASP A 167 18.58 -9.99 0.95
C ASP A 167 19.93 -10.09 0.22
N ALA A 168 20.74 -11.12 0.53
CA ALA A 168 22.01 -11.33 -0.15
C ALA A 168 21.72 -11.77 -1.62
N PRO A 169 22.61 -11.49 -2.61
CA PRO A 169 22.33 -11.93 -3.98
C PRO A 169 22.24 -13.45 -4.07
N VAL A 170 21.52 -13.93 -5.06
CA VAL A 170 21.37 -15.36 -5.26
C VAL A 170 21.87 -15.74 -6.64
N VAL A 171 22.33 -17.00 -6.79
CA VAL A 171 22.76 -17.49 -8.10
C VAL A 171 21.51 -17.54 -8.97
N VAL A 172 21.51 -16.75 -10.02
CA VAL A 172 20.39 -16.69 -10.96
C VAL A 172 20.91 -17.21 -12.29
N ARG A 173 20.01 -17.79 -13.08
CA ARG A 173 20.36 -18.27 -14.42
C ARG A 173 20.76 -17.04 -15.24
N ALA A 174 21.50 -17.19 -16.31
CA ALA A 174 21.85 -15.99 -17.03
C ALA A 174 21.27 -15.93 -18.45
N PRO A 175 20.27 -15.06 -18.74
CA PRO A 175 19.77 -14.95 -20.12
C PRO A 175 20.88 -14.27 -20.94
N GLY A 176 20.84 -14.52 -22.22
CA GLY A 176 21.90 -14.12 -23.14
C GLY A 176 22.73 -15.38 -23.29
N TYR A 177 22.11 -16.49 -22.88
CA TYR A 177 22.61 -17.85 -22.92
C TYR A 177 21.66 -18.68 -23.79
N ARG A 178 22.11 -19.88 -24.15
CA ARG A 178 21.37 -20.84 -24.97
C ARG A 178 20.77 -20.29 -26.28
#